data_5MON
#
_entry.id   5MON
#
_cell.length_a   54.989
_cell.length_b   58.537
_cell.length_c   67.618
_cell.angle_alpha   90.00
_cell.angle_beta   90.00
_cell.angle_gamma   90.00
#
_symmetry.space_group_name_H-M   'P 21 21 21'
#
loop_
_entity.id
_entity.type
_entity.pdbx_description
1 polymer 'Cationic trypsin'
2 non-polymer 'CALCIUM ION'
3 non-polymer 2-AMINOPYRIDINE
4 non-polymer 'SULFATE ION'
5 water water
#
_entity_poly.entity_id   1
_entity_poly.type   'polypeptide(L)'
_entity_poly.pdbx_seq_one_letter_code
;IVGGYTCGANTVPYQVSLNSGYHFCGGSLINSQWVVSAAHCYKSGIQVRLGEDNINVVEGNEQFISASKSIVHPSYNSNT
LNNDIMLIKLKSAASLNSRVASISLPTSCASAGTQCLISGWGNTKSSGTSYPDVLKCLKAPILSDSSCKSAYPGQITSNM
FCAGYLEGGKDSCQGDSGGPVVCSGKLQGIVSWGSGCAQKNKPGVYTKVCNYVSWIKQTIASN
;
_entity_poly.pdbx_strand_id   A
#
loop_
_chem_comp.id
_chem_comp.type
_chem_comp.name
_chem_comp.formula
2AP non-polymer 2-AMINOPYRIDINE 'C5 H7 N2 1'
CA non-polymer 'CALCIUM ION' 'Ca 2'
SO4 non-polymer 'SULFATE ION' 'O4 S -2'
#
# COMPACT_ATOMS: atom_id res chain seq x y z
N ILE A 1 -2.30 10.81 -3.70
CA ILE A 1 -0.90 11.29 -3.63
C ILE A 1 -0.90 12.79 -3.84
N VAL A 2 -0.33 13.53 -2.89
CA VAL A 2 -0.21 14.99 -2.96
C VAL A 2 1.23 15.29 -3.37
N GLY A 3 1.41 16.16 -4.37
CA GLY A 3 2.74 16.59 -4.73
C GLY A 3 3.54 15.60 -5.52
N GLY A 4 2.89 14.61 -6.15
CA GLY A 4 3.55 13.60 -6.93
C GLY A 4 3.52 13.90 -8.41
N TYR A 5 3.73 12.85 -9.20
CA TYR A 5 3.81 12.93 -10.65
C TYR A 5 3.00 11.80 -11.24
N THR A 6 2.59 11.98 -12.50
CA THR A 6 1.87 10.92 -13.19
C THR A 6 2.85 9.78 -13.50
N CYS A 7 2.57 8.58 -13.01
CA CYS A 7 3.52 7.49 -13.15
C CYS A 7 3.80 7.15 -14.60
N GLY A 8 2.76 7.08 -15.41
CA GLY A 8 2.79 6.52 -16.74
C GLY A 8 2.11 5.17 -16.72
N ALA A 9 1.39 4.85 -17.80
CA ALA A 9 0.58 3.64 -17.81
C ALA A 9 1.41 2.38 -17.64
N ASN A 10 1.02 1.59 -16.64
CA ASN A 10 1.58 0.26 -16.39
C ASN A 10 3.06 0.29 -16.02
N THR A 11 3.55 1.41 -15.53
CA THR A 11 4.91 1.51 -15.05
C THR A 11 5.10 1.01 -13.62
N VAL A 12 4.00 0.71 -12.93
CA VAL A 12 3.98 0.21 -11.56
C VAL A 12 3.16 -1.09 -11.61
N PRO A 13 3.75 -2.17 -12.12
CA PRO A 13 2.91 -3.29 -12.61
C PRO A 13 2.29 -4.14 -11.52
N TYR A 14 2.75 -3.97 -10.30
CA TYR A 14 2.25 -4.67 -9.12
C TYR A 14 1.13 -3.91 -8.41
N GLN A 15 0.82 -2.70 -8.84
CA GLN A 15 -0.23 -1.90 -8.20
C GLN A 15 -1.60 -2.44 -8.57
N VAL A 16 -2.45 -2.63 -7.58
CA VAL A 16 -3.83 -3.03 -7.81
C VAL A 16 -4.78 -1.96 -7.26
N SER A 17 -5.97 -1.95 -7.85
CA SER A 17 -7.11 -1.18 -7.32
C SER A 17 -8.11 -2.18 -6.75
N LEU A 18 -8.56 -1.94 -5.53
CA LEU A 18 -9.63 -2.71 -4.93
C LEU A 18 -10.95 -1.97 -5.22
N ASN A 19 -11.92 -2.70 -5.80
CA ASN A 19 -13.14 -2.11 -6.30
C ASN A 19 -14.34 -2.81 -5.69
N SER A 20 -15.27 -2.02 -5.17
CA SER A 20 -16.55 -2.51 -4.64
C SER A 20 -17.68 -1.74 -5.28
N GLY A 21 -17.59 -1.53 -6.59
CA GLY A 21 -18.44 -0.62 -7.33
C GLY A 21 -17.76 0.68 -7.69
N TYR A 22 -16.61 0.91 -7.09
CA TYR A 22 -15.80 2.12 -7.16
C TYR A 22 -14.46 1.74 -6.53
N HIS A 23 -13.42 2.47 -6.89
CA HIS A 23 -12.11 2.31 -6.26
C HIS A 23 -12.19 2.78 -4.80
N PHE A 24 -11.68 1.97 -3.88
CA PHE A 24 -11.64 2.41 -2.49
C PHE A 24 -10.31 2.23 -1.79
N CYS A 25 -9.38 1.45 -2.33
CA CYS A 25 -8.09 1.24 -1.70
C CYS A 25 -7.16 0.66 -2.75
N GLY A 26 -5.86 0.81 -2.51
CA GLY A 26 -4.86 0.13 -3.29
C GLY A 26 -4.48 -1.21 -2.68
N GLY A 27 -3.55 -1.87 -3.36
CA GLY A 27 -2.95 -3.11 -2.90
C GLY A 27 -1.77 -3.43 -3.81
N SER A 28 -1.09 -4.52 -3.46
CA SER A 28 0.09 -4.97 -4.22
C SER A 28 -0.04 -6.45 -4.52
N LEU A 29 0.27 -6.82 -5.76
CA LEU A 29 0.27 -8.22 -6.17
C LEU A 29 1.60 -8.84 -5.76
N ILE A 30 1.54 -9.89 -4.93
CA ILE A 30 2.75 -10.53 -4.43
C ILE A 30 3.02 -11.90 -5.05
N ASN A 31 2.04 -12.49 -5.73
CA ASN A 31 2.23 -13.66 -6.59
CA ASN A 31 2.22 -13.65 -6.60
C ASN A 31 0.98 -13.72 -7.46
N SER A 32 0.88 -14.75 -8.29
CA SER A 32 -0.23 -14.76 -9.24
C SER A 32 -1.61 -14.84 -8.59
N GLN A 33 -1.72 -15.25 -7.33
CA GLN A 33 -3.02 -15.43 -6.74
C GLN A 33 -3.27 -14.65 -5.45
N TRP A 34 -2.34 -13.80 -5.01
CA TRP A 34 -2.46 -13.13 -3.72
C TRP A 34 -2.08 -11.67 -3.82
N VAL A 35 -2.86 -10.86 -3.10
CA VAL A 35 -2.68 -9.42 -2.97
C VAL A 35 -2.51 -9.09 -1.49
N VAL A 36 -1.59 -8.15 -1.21
N VAL A 36 -1.66 -8.13 -1.19
CA VAL A 36 -1.43 -7.51 0.11
CA VAL A 36 -1.54 -7.61 0.15
C VAL A 36 -2.13 -6.15 0.10
C VAL A 36 -2.02 -6.15 0.17
N SER A 37 -2.81 -5.82 1.19
CA SER A 37 -3.37 -4.50 1.35
C SER A 37 -3.40 -4.17 2.85
N ALA A 38 -4.09 -3.08 3.20
CA ALA A 38 -4.25 -2.67 4.59
C ALA A 38 -5.50 -3.33 5.17
N ALA A 39 -5.42 -3.78 6.43
CA ALA A 39 -6.60 -4.32 7.11
C ALA A 39 -7.73 -3.31 7.20
N HIS A 40 -7.42 -2.02 7.30
CA HIS A 40 -8.51 -1.04 7.42
C HIS A 40 -9.27 -0.88 6.11
N CYS A 41 -8.78 -1.49 5.02
CA CYS A 41 -9.49 -1.56 3.75
C CYS A 41 -10.45 -2.74 3.66
N TYR A 42 -10.55 -3.57 4.70
CA TYR A 42 -11.42 -4.75 4.63
CA TYR A 42 -11.41 -4.74 4.62
C TYR A 42 -12.86 -4.38 4.30
N LYS A 43 -13.44 -5.15 3.39
CA LYS A 43 -14.88 -5.18 3.21
C LYS A 43 -15.20 -6.47 2.46
N SER A 44 -16.46 -6.84 2.46
CA SER A 44 -16.90 -7.96 1.65
C SER A 44 -17.14 -7.50 0.20
N GLY A 45 -17.08 -8.44 -0.72
CA GLY A 45 -17.41 -8.12 -2.11
C GLY A 45 -16.35 -7.37 -2.88
N ILE A 46 -15.11 -7.74 -2.71
CA ILE A 46 -13.99 -7.06 -3.37
C ILE A 46 -13.75 -7.68 -4.75
N GLN A 47 -13.61 -6.82 -5.75
CA GLN A 47 -13.03 -7.18 -7.04
C GLN A 47 -11.65 -6.54 -7.12
N VAL A 48 -10.66 -7.32 -7.46
CA VAL A 48 -9.31 -6.82 -7.64
C VAL A 48 -9.11 -6.45 -9.10
N ARG A 49 -8.60 -5.25 -9.35
CA ARG A 49 -8.38 -4.76 -10.70
C ARG A 49 -6.88 -4.56 -10.92
N LEU A 50 -6.35 -5.37 -11.82
CA LEU A 50 -4.93 -5.40 -12.17
C LEU A 50 -4.76 -4.71 -13.52
N GLY A 51 -3.54 -4.25 -13.78
CA GLY A 51 -3.25 -3.68 -15.09
C GLY A 51 -3.88 -2.34 -15.37
N GLU A 52 -4.31 -1.62 -14.31
CA GLU A 52 -4.99 -0.35 -14.47
C GLU A 52 -4.03 0.82 -14.61
N ASP A 53 -4.44 1.78 -15.43
CA ASP A 53 -3.92 3.14 -15.37
C ASP A 53 -5.11 4.06 -15.08
N ASN A 54 -5.89 4.40 -16.10
CA ASN A 54 -7.12 5.16 -15.87
C ASN A 54 -8.19 4.20 -15.35
N ILE A 55 -8.64 4.40 -14.11
CA ILE A 55 -9.61 3.51 -13.48
C ILE A 55 -11.04 3.72 -13.97
N ASN A 56 -11.27 4.73 -14.83
CA ASN A 56 -12.58 5.00 -15.40
C ASN A 56 -12.71 4.67 -16.88
N VAL A 57 -11.65 4.17 -17.51
CA VAL A 57 -11.63 3.87 -18.94
C VAL A 57 -11.01 2.49 -19.12
N VAL A 58 -11.61 1.64 -19.96
CA VAL A 58 -11.01 0.36 -20.29
C VAL A 58 -10.00 0.62 -21.39
N GLU A 59 -8.72 0.42 -21.06
CA GLU A 59 -7.62 0.74 -21.94
C GLU A 59 -6.97 -0.47 -22.59
N GLY A 60 -7.23 -1.67 -22.09
CA GLY A 60 -6.84 -2.89 -22.77
C GLY A 60 -5.92 -3.81 -22.04
N ASN A 61 -5.33 -3.40 -20.91
CA ASN A 61 -4.42 -4.27 -20.16
C ASN A 61 -4.98 -4.74 -18.84
N GLU A 62 -6.25 -4.45 -18.58
CA GLU A 62 -6.85 -4.81 -17.30
C GLU A 62 -7.14 -6.29 -17.17
N GLN A 63 -7.08 -6.75 -15.92
CA GLN A 63 -7.62 -8.04 -15.51
C GLN A 63 -8.46 -7.78 -14.27
N PHE A 64 -9.71 -8.20 -14.30
CA PHE A 64 -10.65 -8.01 -13.19
C PHE A 64 -10.94 -9.38 -12.60
N ILE A 65 -10.58 -9.59 -11.33
CA ILE A 65 -10.68 -10.91 -10.70
C ILE A 65 -11.28 -10.74 -9.31
N SER A 66 -12.34 -11.47 -9.01
CA SER A 66 -12.96 -11.38 -7.70
C SER A 66 -12.10 -12.07 -6.63
N ALA A 67 -12.22 -11.58 -5.41
CA ALA A 67 -11.60 -12.23 -4.25
C ALA A 67 -12.39 -13.46 -3.82
N SER A 68 -11.68 -14.51 -3.46
CA SER A 68 -12.30 -15.69 -2.87
C SER A 68 -12.23 -15.74 -1.36
N LYS A 69 -11.22 -15.09 -0.78
N LYS A 69 -11.20 -15.14 -0.77
CA LYS A 69 -10.98 -15.12 0.65
CA LYS A 69 -11.14 -15.03 0.68
C LYS A 69 -10.20 -13.86 1.02
C LYS A 69 -10.21 -13.90 1.03
N SER A 70 -10.51 -13.29 2.18
CA SER A 70 -9.73 -12.23 2.75
C SER A 70 -9.32 -12.63 4.15
N ILE A 71 -8.09 -12.28 4.53
CA ILE A 71 -7.54 -12.64 5.83
C ILE A 71 -6.91 -11.39 6.43
N VAL A 72 -7.59 -10.82 7.43
CA VAL A 72 -7.06 -9.70 8.20
C VAL A 72 -6.07 -10.25 9.23
N HIS A 73 -4.99 -9.52 9.48
CA HIS A 73 -4.00 -9.97 10.44
C HIS A 73 -4.67 -10.32 11.77
N PRO A 74 -4.23 -11.40 12.43
CA PRO A 74 -4.86 -11.81 13.68
C PRO A 74 -4.87 -10.76 14.78
N SER A 75 -3.88 -9.87 14.77
CA SER A 75 -3.71 -8.88 15.84
C SER A 75 -4.01 -7.46 15.37
N TYR A 76 -4.69 -7.28 14.25
CA TYR A 76 -5.08 -5.94 13.81
C TYR A 76 -5.94 -5.26 14.89
N ASN A 77 -5.58 -4.02 15.19
CA ASN A 77 -6.31 -3.16 16.12
C ASN A 77 -6.78 -1.92 15.36
N SER A 78 -8.08 -1.82 15.14
CA SER A 78 -8.64 -0.73 14.36
C SER A 78 -8.57 0.63 15.05
N ASN A 79 -8.36 0.64 16.37
CA ASN A 79 -8.25 1.91 17.07
C ASN A 79 -6.87 2.53 16.90
N THR A 80 -5.81 1.72 16.99
CA THR A 80 -4.45 2.21 16.88
C THR A 80 -3.83 2.03 15.50
N LEU A 81 -4.45 1.20 14.67
CA LEU A 81 -3.95 0.79 13.36
C LEU A 81 -2.68 -0.04 13.47
N ASN A 82 -2.39 -0.61 14.62
CA ASN A 82 -1.29 -1.56 14.70
C ASN A 82 -1.66 -2.83 13.94
N ASN A 83 -0.69 -3.35 13.19
CA ASN A 83 -0.85 -4.54 12.36
C ASN A 83 -1.88 -4.32 11.25
N ASP A 84 -1.74 -3.18 10.57
CA ASP A 84 -2.66 -2.80 9.49
C ASP A 84 -2.25 -3.47 8.18
N ILE A 85 -2.61 -4.75 8.06
CA ILE A 85 -2.22 -5.59 6.93
C ILE A 85 -3.26 -6.68 6.76
N MET A 86 -3.58 -6.98 5.51
N MET A 86 -3.52 -7.03 5.49
CA MET A 86 -4.44 -8.10 5.19
CA MET A 86 -4.54 -7.99 5.10
C MET A 86 -3.97 -8.73 3.89
C MET A 86 -4.10 -8.66 3.81
N LEU A 87 -4.40 -9.97 3.69
CA LEU A 87 -4.15 -10.73 2.48
C LEU A 87 -5.48 -11.03 1.79
N ILE A 88 -5.47 -10.98 0.48
CA ILE A 88 -6.64 -11.28 -0.36
C ILE A 88 -6.23 -12.34 -1.37
N LYS A 89 -6.96 -13.45 -1.40
CA LYS A 89 -6.75 -14.48 -2.42
C LYS A 89 -7.71 -14.25 -3.58
N LEU A 90 -7.16 -14.34 -4.78
CA LEU A 90 -7.94 -14.22 -6.00
C LEU A 90 -8.62 -15.55 -6.35
N LYS A 91 -9.80 -15.46 -6.95
CA LYS A 91 -10.52 -16.67 -7.35
C LYS A 91 -9.78 -17.47 -8.41
N SER A 92 -9.01 -16.79 -9.26
CA SER A 92 -8.20 -17.45 -10.27
C SER A 92 -6.89 -16.69 -10.37
N ALA A 93 -5.86 -17.36 -10.87
CA ALA A 93 -4.56 -16.73 -10.98
C ALA A 93 -4.58 -15.66 -12.07
N ALA A 94 -3.89 -14.57 -11.79
CA ALA A 94 -3.67 -13.54 -12.78
C ALA A 94 -2.68 -14.06 -13.82
N SER A 95 -2.74 -13.46 -15.00
CA SER A 95 -1.78 -13.74 -16.06
CA SER A 95 -1.78 -13.74 -16.06
C SER A 95 -0.68 -12.69 -15.98
N LEU A 96 0.53 -13.13 -15.66
CA LEU A 96 1.64 -12.23 -15.44
C LEU A 96 2.40 -11.96 -16.74
N ASN A 97 2.78 -10.69 -16.93
CA ASN A 97 3.46 -10.15 -18.12
C ASN A 97 4.28 -8.92 -17.70
N SER A 98 4.75 -8.10 -18.65
CA SER A 98 5.54 -6.94 -18.23
C SER A 98 4.69 -5.86 -17.58
N ARG A 99 3.40 -5.82 -17.89
CA ARG A 99 2.51 -4.78 -17.38
C ARG A 99 1.74 -5.21 -16.15
N VAL A 100 1.69 -6.50 -15.85
CA VAL A 100 1.06 -7.05 -14.65
C VAL A 100 2.05 -8.03 -14.06
N ALA A 101 2.62 -7.70 -12.90
CA ALA A 101 3.73 -8.44 -12.36
C ALA A 101 3.67 -8.36 -10.86
N SER A 102 4.26 -9.34 -10.21
CA SER A 102 4.34 -9.36 -8.76
C SER A 102 5.53 -8.56 -8.28
N ILE A 103 5.45 -8.13 -7.02
CA ILE A 103 6.54 -7.47 -6.32
C ILE A 103 7.07 -8.41 -5.25
N SER A 104 8.38 -8.49 -5.12
CA SER A 104 9.03 -9.34 -4.15
C SER A 104 8.84 -8.85 -2.73
N LEU A 105 8.75 -9.79 -1.82
CA LEU A 105 8.75 -9.50 -0.40
C LEU A 105 10.18 -9.28 0.03
N PRO A 106 10.39 -8.50 1.08
CA PRO A 106 11.74 -8.18 1.52
C PRO A 106 12.35 -9.33 2.29
N THR A 107 13.67 -9.43 2.21
CA THR A 107 14.39 -10.33 3.11
C THR A 107 14.96 -9.59 4.32
N SER A 108 15.05 -8.28 4.24
CA SER A 108 15.54 -7.48 5.34
C SER A 108 14.73 -6.20 5.37
N CYS A 109 14.71 -5.56 6.52
CA CYS A 109 14.02 -4.30 6.70
C CYS A 109 14.87 -3.18 6.14
N ALA A 110 14.22 -2.19 5.58
CA ALA A 110 14.93 -1.05 5.01
C ALA A 110 15.24 -0.03 6.10
N SER A 111 16.36 0.65 5.93
CA SER A 111 16.82 1.64 6.88
CA SER A 111 16.82 1.64 6.88
C SER A 111 16.34 3.06 6.53
N ALA A 112 16.29 3.90 7.56
CA ALA A 112 16.01 5.30 7.34
C ALA A 112 17.00 5.86 6.32
N GLY A 113 16.50 6.73 5.46
CA GLY A 113 17.28 7.34 4.39
C GLY A 113 17.12 6.66 3.05
N THR A 114 16.59 5.44 3.04
CA THR A 114 16.35 4.74 1.78
C THR A 114 15.21 5.43 1.04
N GLN A 115 15.40 5.60 -0.28
CA GLN A 115 14.37 6.19 -1.13
C GLN A 115 13.42 5.11 -1.62
N CYS A 116 12.13 5.45 -1.58
CA CYS A 116 11.09 4.51 -1.97
C CYS A 116 10.10 5.18 -2.92
N LEU A 117 9.30 4.35 -3.58
CA LEU A 117 8.26 4.77 -4.51
C LEU A 117 6.90 4.40 -3.91
N ILE A 118 6.05 5.41 -3.77
CA ILE A 118 4.68 5.26 -3.25
C ILE A 118 3.74 5.62 -4.38
N SER A 119 2.65 4.88 -4.54
CA SER A 119 1.76 5.11 -5.67
C SER A 119 0.30 4.90 -5.26
N GLY A 120 -0.59 5.56 -6.00
CA GLY A 120 -2.01 5.37 -5.77
C GLY A 120 -2.89 6.35 -6.53
N TRP A 121 -4.19 6.10 -6.40
CA TRP A 121 -5.27 6.88 -7.00
C TRP A 121 -5.99 7.77 -5.97
N GLY A 122 -5.35 8.08 -4.86
CA GLY A 122 -5.97 8.88 -3.84
C GLY A 122 -5.97 10.36 -4.11
N ASN A 123 -6.53 11.09 -3.15
CA ASN A 123 -6.69 12.54 -3.26
C ASN A 123 -5.34 13.20 -3.51
N THR A 124 -5.35 14.22 -4.38
CA THR A 124 -4.16 14.96 -4.73
C THR A 124 -4.06 16.33 -4.06
N LYS A 125 -5.00 16.67 -3.20
CA LYS A 125 -4.98 17.97 -2.50
C LYS A 125 -4.88 17.79 -1.00
N SER A 126 -4.14 18.72 -0.36
CA SER A 126 -4.04 18.76 1.10
C SER A 126 -5.19 19.51 1.73
N SER A 127 -5.80 20.41 0.97
CA SER A 127 -7.02 21.11 1.36
C SER A 127 -8.00 20.94 0.22
N GLY A 128 -9.17 20.42 0.51
CA GLY A 128 -10.12 20.12 -0.54
C GLY A 128 -9.86 18.75 -1.14
N THR A 129 -10.50 18.53 -2.29
CA THR A 129 -10.63 17.19 -2.84
C THR A 129 -10.54 17.22 -4.35
N SER A 130 -9.62 16.41 -4.87
CA SER A 130 -9.56 16.14 -6.30
C SER A 130 -8.96 14.76 -6.48
N TYR A 131 -9.74 13.87 -7.03
CA TYR A 131 -9.31 12.51 -7.21
C TYR A 131 -8.92 12.30 -8.67
N PRO A 132 -7.73 11.77 -8.90
CA PRO A 132 -7.26 11.56 -10.24
C PRO A 132 -7.83 10.26 -10.78
N ASP A 133 -7.85 10.19 -12.06
CA ASP A 133 -8.24 8.95 -12.69
CA ASP A 133 -8.25 8.96 -12.72
C ASP A 133 -7.07 8.08 -13.07
N VAL A 134 -5.88 8.65 -13.19
CA VAL A 134 -4.67 7.91 -13.54
C VAL A 134 -3.76 7.80 -12.32
N LEU A 135 -2.86 6.82 -12.37
CA LEU A 135 -2.03 6.50 -11.22
C LEU A 135 -0.98 7.57 -11.00
N LYS A 136 -0.84 7.99 -9.73
CA LYS A 136 0.16 8.96 -9.33
C LYS A 136 1.24 8.29 -8.50
N CYS A 137 2.43 8.89 -8.55
CA CYS A 137 3.66 8.36 -7.97
C CYS A 137 4.34 9.43 -7.14
N LEU A 138 5.09 8.99 -6.13
CA LEU A 138 5.86 9.88 -5.28
C LEU A 138 7.12 9.15 -4.84
N LYS A 139 8.27 9.79 -4.99
CA LYS A 139 9.51 9.30 -4.42
C LYS A 139 9.70 9.97 -3.07
N ALA A 140 9.98 9.17 -2.03
CA ALA A 140 10.11 9.71 -0.69
C ALA A 140 11.04 8.84 0.12
N PRO A 141 11.79 9.42 1.06
CA PRO A 141 12.65 8.61 1.92
C PRO A 141 11.95 8.13 3.17
N ILE A 142 12.44 7.00 3.67
CA ILE A 142 12.08 6.54 5.01
C ILE A 142 12.72 7.47 6.03
N LEU A 143 11.94 7.90 7.00
CA LEU A 143 12.43 8.77 8.07
C LEU A 143 12.92 7.94 9.25
N SER A 144 13.82 8.54 10.04
CA SER A 144 14.28 7.87 11.23
C SER A 144 13.13 7.61 12.20
N ASP A 145 13.28 6.54 12.97
CA ASP A 145 12.28 6.24 13.98
C ASP A 145 12.12 7.39 14.97
N SER A 146 13.22 8.05 15.34
CA SER A 146 13.15 9.15 16.28
C SER A 146 12.33 10.31 15.71
N SER A 147 12.53 10.66 14.44
CA SER A 147 11.72 11.74 13.86
CA SER A 147 11.72 11.73 13.85
C SER A 147 10.25 11.33 13.76
N CYS A 148 9.99 10.07 13.44
CA CYS A 148 8.61 9.58 13.33
C CYS A 148 7.90 9.66 14.67
N LYS A 149 8.56 9.19 15.72
CA LYS A 149 7.98 9.22 17.06
C LYS A 149 7.82 10.63 17.59
N SER A 150 8.72 11.52 17.22
CA SER A 150 8.57 12.92 17.61
CA SER A 150 8.58 12.92 17.60
C SER A 150 7.39 13.59 16.92
N ALA A 151 7.09 13.18 15.68
CA ALA A 151 5.95 13.75 14.96
C ALA A 151 4.62 13.23 15.49
N TYR A 152 4.58 11.99 15.96
CA TYR A 152 3.37 11.33 16.42
C TYR A 152 3.62 10.72 17.79
N PRO A 153 3.74 11.53 18.83
CA PRO A 153 4.04 10.98 20.15
CA PRO A 153 4.05 10.98 20.14
C PRO A 153 2.99 9.98 20.58
N GLY A 154 3.44 8.86 21.10
CA GLY A 154 2.55 7.86 21.65
C GLY A 154 1.79 7.01 20.66
N GLN A 155 2.06 7.17 19.37
CA GLN A 155 1.26 6.52 18.34
C GLN A 155 1.99 5.54 17.43
N ILE A 156 3.32 5.53 17.46
CA ILE A 156 4.11 4.75 16.52
C ILE A 156 4.55 3.46 17.21
N THR A 157 4.19 2.33 16.65
CA THR A 157 4.63 1.05 17.15
C THR A 157 5.80 0.53 16.32
N SER A 158 6.38 -0.59 16.75
CA SER A 158 7.47 -1.22 16.01
C SER A 158 7.03 -1.76 14.66
N ASN A 159 5.73 -1.77 14.39
CA ASN A 159 5.18 -2.26 13.13
C ASN A 159 4.84 -1.13 12.14
N MET A 160 5.37 0.06 12.39
CA MET A 160 5.11 1.24 11.57
C MET A 160 6.42 1.95 11.28
N PHE A 161 6.45 2.64 10.14
CA PHE A 161 7.49 3.60 9.86
C PHE A 161 6.88 4.82 9.19
N CYS A 162 7.58 5.93 9.29
CA CYS A 162 7.21 7.15 8.59
C CYS A 162 8.04 7.29 7.33
N ALA A 163 7.45 7.87 6.29
CA ALA A 163 8.18 8.21 5.08
C ALA A 163 7.60 9.51 4.55
N GLY A 164 8.43 10.31 3.90
CA GLY A 164 7.97 11.56 3.37
C GLY A 164 8.88 12.70 3.73
N TYR A 165 8.28 13.85 4.00
CA TYR A 165 8.98 15.12 4.11
C TYR A 165 8.39 15.90 5.27
N LEU A 166 9.24 16.21 6.25
CA LEU A 166 8.76 16.96 7.41
C LEU A 166 8.32 18.38 7.06
N GLU A 167 8.82 18.91 5.94
CA GLU A 167 8.40 20.22 5.47
C GLU A 167 6.98 20.21 4.91
N GLY A 168 6.43 19.03 4.68
CA GLY A 168 5.12 18.89 4.07
C GLY A 168 5.17 19.00 2.56
N GLY A 169 3.98 19.07 1.97
CA GLY A 169 3.82 19.31 0.54
C GLY A 169 3.75 18.08 -0.32
N LYS A 170 4.29 16.95 0.13
CA LYS A 170 4.34 15.72 -0.64
C LYS A 170 4.01 14.57 0.30
N ASP A 171 3.01 13.77 -0.04
CA ASP A 171 2.57 12.73 0.89
C ASP A 171 1.58 11.80 0.17
N SER A 172 1.27 10.70 0.82
CA SER A 172 0.10 9.91 0.45
C SER A 172 -1.15 10.54 1.08
N CYS A 173 -2.32 10.06 0.68
CA CYS A 173 -3.56 10.66 1.13
C CYS A 173 -4.71 9.65 1.06
N GLN A 174 -5.91 10.12 1.42
CA GLN A 174 -7.10 9.27 1.39
C GLN A 174 -7.26 8.66 0.01
N GLY A 175 -7.56 7.37 -0.03
CA GLY A 175 -7.70 6.64 -1.28
C GLY A 175 -6.43 5.95 -1.74
N ASP A 176 -5.29 6.31 -1.15
CA ASP A 176 -4.02 5.61 -1.39
C ASP A 176 -3.84 4.41 -0.47
N SER A 177 -4.60 4.35 0.61
CA SER A 177 -4.44 3.32 1.63
C SER A 177 -4.46 1.95 1.03
N GLY A 178 -3.59 1.10 1.59
CA GLY A 178 -3.44 -0.26 1.13
C GLY A 178 -2.38 -0.43 0.06
N GLY A 179 -1.97 0.66 -0.57
CA GLY A 179 -1.04 0.58 -1.67
C GLY A 179 0.40 0.42 -1.25
N PRO A 180 1.26 0.28 -2.25
CA PRO A 180 2.66 -0.10 -2.02
C PRO A 180 3.60 1.05 -1.71
N VAL A 181 4.61 0.70 -0.92
CA VAL A 181 5.83 1.47 -0.73
C VAL A 181 6.96 0.50 -1.11
N VAL A 182 7.63 0.78 -2.24
CA VAL A 182 8.64 -0.12 -2.80
C VAL A 182 9.99 0.56 -2.71
N CYS A 183 10.97 -0.15 -2.18
CA CYS A 183 12.30 0.40 -1.98
C CYS A 183 13.28 -0.66 -2.48
N SER A 184 14.19 -0.25 -3.37
CA SER A 184 15.17 -1.17 -3.92
C SER A 184 14.51 -2.46 -4.44
N GLY A 185 13.38 -2.30 -5.12
CA GLY A 185 12.73 -3.43 -5.75
C GLY A 185 11.99 -4.39 -4.85
N LYS A 186 11.77 -4.04 -3.58
CA LYS A 186 11.05 -4.89 -2.65
C LYS A 186 9.92 -4.11 -1.99
N LEU A 187 8.86 -4.83 -1.64
CA LEU A 187 7.74 -4.22 -0.92
C LEU A 187 8.09 -4.02 0.55
N GLN A 188 8.32 -2.79 0.97
CA GLN A 188 8.67 -2.49 2.35
CA GLN A 188 8.67 -2.49 2.35
C GLN A 188 7.52 -1.91 3.16
N GLY A 189 6.53 -1.29 2.52
CA GLY A 189 5.46 -0.65 3.27
C GLY A 189 4.12 -0.80 2.60
N ILE A 190 3.09 -0.54 3.42
CA ILE A 190 1.70 -0.44 2.99
C ILE A 190 1.20 0.92 3.47
N VAL A 191 0.57 1.69 2.57
CA VAL A 191 -0.01 2.98 2.96
C VAL A 191 -1.06 2.74 4.05
N SER A 192 -0.87 3.35 5.22
CA SER A 192 -1.73 3.09 6.39
C SER A 192 -2.47 4.33 6.88
N TRP A 193 -1.77 5.35 7.40
CA TRP A 193 -2.48 6.47 8.00
C TRP A 193 -1.60 7.69 8.05
N GLY A 194 -2.19 8.80 8.45
CA GLY A 194 -1.47 10.02 8.75
C GLY A 194 -2.47 11.02 9.30
N SER A 195 -2.00 12.17 9.72
CA SER A 195 -2.87 13.24 10.19
CA SER A 195 -2.87 13.25 10.20
C SER A 195 -3.04 14.24 9.06
N GLY A 196 -4.17 14.15 8.36
CA GLY A 196 -4.31 14.90 7.13
C GLY A 196 -3.36 14.34 6.08
N CYS A 197 -3.08 15.19 5.08
CA CYS A 197 -2.14 14.84 4.03
C CYS A 197 -1.21 16.01 3.79
N ALA A 198 0.09 15.72 3.72
CA ALA A 198 1.08 16.70 3.28
C ALA A 198 1.20 17.89 4.21
N GLN A 199 0.83 17.73 5.48
CA GLN A 199 0.97 18.81 6.45
C GLN A 199 2.38 18.81 7.03
N LYS A 200 2.85 19.99 7.40
CA LYS A 200 4.15 20.12 8.04
C LYS A 200 4.22 19.27 9.30
N ASN A 201 5.34 18.58 9.46
CA ASN A 201 5.62 17.75 10.65
C ASN A 201 4.64 16.60 10.84
N LYS A 202 3.91 16.20 9.79
CA LYS A 202 2.95 15.10 9.86
C LYS A 202 3.09 14.21 8.63
N PRO A 203 4.19 13.47 8.55
CA PRO A 203 4.40 12.60 7.38
C PRO A 203 3.48 11.40 7.44
N GLY A 204 3.37 10.72 6.31
CA GLY A 204 2.60 9.50 6.28
C GLY A 204 3.25 8.38 7.09
N VAL A 205 2.37 7.49 7.56
CA VAL A 205 2.75 6.33 8.36
C VAL A 205 2.35 5.07 7.59
N TYR A 206 3.26 4.09 7.61
CA TYR A 206 3.20 2.92 6.76
C TYR A 206 3.39 1.66 7.58
N THR A 207 2.68 0.60 7.21
CA THR A 207 2.87 -0.70 7.85
C THR A 207 4.22 -1.27 7.42
N LYS A 208 4.99 -1.78 8.39
N LYS A 208 5.01 -1.71 8.40
CA LYS A 208 6.36 -2.23 8.15
CA LYS A 208 6.35 -2.25 8.17
C LYS A 208 6.37 -3.70 7.74
C LYS A 208 6.23 -3.71 7.74
N VAL A 209 6.31 -3.93 6.42
CA VAL A 209 6.08 -5.26 5.85
C VAL A 209 7.11 -6.27 6.29
N CYS A 210 8.38 -5.86 6.50
CA CYS A 210 9.40 -6.84 6.84
C CYS A 210 9.08 -7.60 8.13
N ASN A 211 8.25 -7.05 9.01
CA ASN A 211 7.85 -7.74 10.23
C ASN A 211 6.84 -8.86 10.00
N TYR A 212 6.26 -8.94 8.82
CA TYR A 212 5.14 -9.82 8.52
C TYR A 212 5.47 -10.92 7.52
N VAL A 213 6.70 -11.00 7.04
CA VAL A 213 7.01 -11.94 5.98
C VAL A 213 6.72 -13.38 6.37
N SER A 214 7.05 -13.78 7.61
CA SER A 214 6.76 -15.15 8.04
CA SER A 214 6.76 -15.14 8.03
CA SER A 214 6.76 -15.15 8.04
C SER A 214 5.26 -15.43 8.03
N TRP A 215 4.46 -14.51 8.56
CA TRP A 215 3.00 -14.68 8.54
C TRP A 215 2.47 -14.77 7.12
N ILE A 216 2.96 -13.90 6.23
CA ILE A 216 2.50 -13.93 4.86
C ILE A 216 2.79 -15.29 4.24
N LYS A 217 4.04 -15.74 4.35
CA LYS A 217 4.44 -16.98 3.70
C LYS A 217 3.68 -18.17 4.25
N GLN A 218 3.50 -18.23 5.57
CA GLN A 218 2.80 -19.35 6.16
CA GLN A 218 2.81 -19.36 6.16
C GLN A 218 1.32 -19.35 5.80
N THR A 219 0.73 -18.17 5.71
CA THR A 219 -0.68 -18.06 5.37
C THR A 219 -0.92 -18.49 3.92
N ILE A 220 -0.08 -18.03 3.00
CA ILE A 220 -0.23 -18.41 1.60
C ILE A 220 -0.06 -19.92 1.44
N ALA A 221 0.88 -20.51 2.17
CA ALA A 221 1.18 -21.93 2.02
C ALA A 221 0.03 -22.84 2.42
N SER A 222 -0.91 -22.35 3.23
CA SER A 222 -1.97 -23.17 3.78
CA SER A 222 -1.97 -23.17 3.79
C SER A 222 -3.38 -22.72 3.40
N ASN A 223 -3.50 -21.77 2.48
CA ASN A 223 -4.82 -21.25 2.09
C ASN A 223 -4.95 -21.15 0.59
CA CA B . -8.73 1.13 -16.94
N1 2AP C . -2.70 10.35 5.18
C2 2AP C . -1.82 9.50 4.62
C3 2AP C . -2.31 8.27 4.14
C4 2AP C . -3.65 7.98 4.27
C5 2AP C . -4.51 8.89 4.85
C6 2AP C . -4.01 10.08 5.30
N 2AP C . -0.54 9.86 4.54
DN1 2AP C . -2.37 11.24 5.54
H3 2AP C . -1.64 7.56 3.66
H5 2AP C . -5.56 8.64 4.98
DN1A 2AP C . 0.15 9.24 4.13
DN2 2AP C . -0.19 10.76 4.87
S SO4 D . -8.33 6.10 3.88
S SO4 D . -8.38 6.22 3.93
O1 SO4 D . -7.39 6.23 2.77
O1 SO4 D . -8.64 6.17 2.50
O2 SO4 D . -7.74 6.64 5.10
O2 SO4 D . -7.14 6.95 4.17
O3 SO4 D . -8.51 4.65 3.97
O3 SO4 D . -8.19 4.88 4.48
O4 SO4 D . -9.57 6.78 3.58
O4 SO4 D . -9.45 6.89 4.65
#